data_9REH
#
_entry.id   9REH
#
_cell.length_a   51.853
_cell.length_b   71.238
_cell.length_c   97.907
_cell.angle_alpha   90.000
_cell.angle_beta   90.000
_cell.angle_gamma   90.000
#
_symmetry.space_group_name_H-M   'P 21 21 21'
#
loop_
_entity.id
_entity.type
_entity.pdbx_description
1 polymer 'cAMP-dependent protein kinase catalytic subunit alpha'
2 non-polymer 'DIMETHYL SULFOXIDE'
3 non-polymer (6~{R})-6-(4-methylsulfonylphenoxy)-1,4-oxazepane
4 water water
#
_entity_poly.entity_id   1
_entity_poly.type   'polypeptide(L)'
_entity_poly.pdbx_seq_one_letter_code
;GHMGNAAAAKKGSEQESVKEFLAKAKEEFLKKWESPSQNTAQLDHFDRIKTLGTGSFGRVMLVKHKETGNHYAMKILDKQ
KVVKLKQIEHTLNEKRILQAVNFPFLVKLEFSFKDNSNLYMVMEYVPGGEMFSHLRRIGRF(SEP)EPHARFYAAQIVLT
FEYLHSLDLIYRDLKPENLLIDQQGYIQVTDFGFAKRVKGRTW(TPO)LCGTPEYLAPEIILSKGYNKAVDWWALGVLIY
EMAAGYPPFFADQPIQIYEKIVSGKVRFPSHFSSDLKDLLRNLLQVDLTKRFGNLKNGVNDIKNHKWFATTDWIAIYQRK
VEAPFIPKFKGPGDTSNFDDYEEEEIRV(SEP)INEKCGKEFTEF
;
_entity_poly.pdbx_strand_id   A
#
loop_
_chem_comp.id
_chem_comp.type
_chem_comp.name
_chem_comp.formula
A1JEO non-polymer (6~{R})-6-(4-methylsulfonylphenoxy)-1,4-oxazepane 'C12 H17 N O4 S'
DMS non-polymer 'DIMETHYL SULFOXIDE' 'C2 H6 O S'
#
# COMPACT_ATOMS: atom_id res chain seq x y z
N GLN A 15 -19.38 5.45 16.87
CA GLN A 15 -20.28 6.59 16.81
C GLN A 15 -21.03 6.59 15.48
N GLU A 16 -22.27 7.07 15.54
CA GLU A 16 -23.09 7.14 14.34
C GLU A 16 -22.40 7.90 13.23
N SER A 17 -21.58 8.90 13.58
CA SER A 17 -20.92 9.70 12.54
C SER A 17 -19.93 8.86 11.75
N VAL A 18 -19.20 7.98 12.42
CA VAL A 18 -18.29 7.06 11.73
C VAL A 18 -19.08 6.02 10.95
N LYS A 19 -20.13 5.46 11.54
CA LYS A 19 -20.98 4.53 10.80
C LYS A 19 -21.57 5.17 9.54
N GLU A 20 -22.05 6.40 9.62
CA GLU A 20 -22.62 7.01 8.42
C GLU A 20 -21.53 7.35 7.40
N PHE A 21 -20.35 7.75 7.88
CA PHE A 21 -19.23 7.95 6.96
C PHE A 21 -18.93 6.67 6.19
N LEU A 22 -18.79 5.54 6.90
CA LEU A 22 -18.44 4.29 6.21
C LEU A 22 -19.58 3.81 5.30
N ALA A 23 -20.84 4.07 5.68
CA ALA A 23 -21.95 3.65 4.80
C ALA A 23 -21.91 4.43 3.48
N LYS A 24 -21.67 5.74 3.56
CA LYS A 24 -21.53 6.55 2.35
C LYS A 24 -20.32 6.11 1.55
N ALA A 25 -19.21 5.82 2.25
CA ALA A 25 -18.00 5.39 1.55
C ALA A 25 -18.28 4.15 0.73
N LYS A 26 -19.05 3.21 1.31
CA LYS A 26 -19.33 1.96 0.60
C LYS A 26 -20.27 2.17 -0.58
N GLU A 27 -21.28 3.04 -0.42
CA GLU A 27 -22.16 3.38 -1.53
C GLU A 27 -21.39 3.96 -2.71
N GLU A 28 -20.47 4.88 -2.40
CA GLU A 28 -19.73 5.54 -3.50
C GLU A 28 -18.76 4.58 -4.17
N PHE A 29 -18.11 3.73 -3.38
CA PHE A 29 -17.25 2.68 -3.92
C PHE A 29 -18.05 1.74 -4.83
N LEU A 30 -19.20 1.27 -4.37
CA LEU A 30 -19.92 0.27 -5.15
C LEU A 30 -20.38 0.84 -6.49
N LYS A 31 -20.76 2.11 -6.53
CA LYS A 31 -21.21 2.65 -7.81
C LYS A 31 -20.08 2.62 -8.84
N LYS A 32 -18.86 3.00 -8.45
CA LYS A 32 -17.74 2.94 -9.39
C LYS A 32 -17.27 1.51 -9.64
N TRP A 33 -17.36 0.65 -8.62
CA TRP A 33 -16.99 -0.75 -8.76
C TRP A 33 -17.86 -1.44 -9.82
N GLU A 34 -19.16 -1.14 -9.81
N GLU A 34 -19.14 -1.10 -9.86
CA GLU A 34 -20.10 -1.78 -10.72
CA GLU A 34 -20.05 -1.76 -10.79
C GLU A 34 -20.09 -1.17 -12.12
C GLU A 34 -19.89 -1.26 -12.22
N SER A 35 -19.38 -0.06 -12.32
N SER A 35 -19.55 0.02 -12.40
CA SER A 35 -19.30 0.58 -13.63
CA SER A 35 -19.31 0.59 -13.74
C SER A 35 -17.93 1.24 -13.81
C SER A 35 -17.94 1.22 -13.78
N PRO A 36 -16.89 0.44 -14.02
CA PRO A 36 -15.53 0.99 -13.98
C PRO A 36 -15.23 1.92 -15.15
N SER A 37 -14.46 2.98 -14.88
N SER A 37 -14.42 2.93 -14.87
CA SER A 37 -13.98 3.81 -15.97
CA SER A 37 -13.90 3.82 -15.91
C SER A 37 -12.91 3.05 -16.76
C SER A 37 -12.82 3.12 -16.73
N GLN A 38 -12.77 3.41 -18.03
CA GLN A 38 -11.79 2.79 -18.91
C GLN A 38 -11.34 3.81 -19.92
N ASN A 39 -10.09 3.67 -20.38
CA ASN A 39 -9.64 4.34 -21.61
C ASN A 39 -9.75 5.87 -21.49
N THR A 40 -9.18 6.42 -20.44
CA THR A 40 -9.38 7.85 -20.17
C THR A 40 -8.16 8.71 -20.56
N ALA A 41 -7.11 8.15 -21.14
CA ALA A 41 -6.01 8.93 -21.75
C ALA A 41 -5.32 8.06 -22.81
N GLN A 42 -4.18 8.54 -23.35
CA GLN A 42 -3.33 7.70 -24.20
C GLN A 42 -1.87 8.12 -24.02
N LEU A 43 -0.96 7.25 -24.48
CA LEU A 43 0.47 7.41 -24.16
C LEU A 43 1.04 8.71 -24.72
N ASP A 44 0.64 9.09 -25.95
CA ASP A 44 1.25 10.29 -26.54
C ASP A 44 0.65 11.60 -26.00
N HIS A 45 -0.16 11.54 -24.95
CA HIS A 45 -0.55 12.74 -24.22
C HIS A 45 0.49 13.12 -23.17
N PHE A 46 1.52 12.29 -22.98
CA PHE A 46 2.50 12.49 -21.91
C PHE A 46 3.92 12.48 -22.44
N ASP A 47 4.80 13.24 -21.76
CA ASP A 47 6.24 13.15 -21.95
C ASP A 47 6.82 12.29 -20.83
N ARG A 48 7.70 11.37 -21.16
CA ARG A 48 8.38 10.53 -20.20
C ARG A 48 9.56 11.28 -19.62
N ILE A 49 9.70 11.23 -18.29
N ILE A 49 9.75 11.19 -18.30
CA ILE A 49 10.75 11.97 -17.59
CA ILE A 49 10.83 11.91 -17.63
C ILE A 49 11.82 11.04 -16.98
C ILE A 49 11.87 10.96 -17.03
N LYS A 50 11.40 10.06 -16.16
N LYS A 50 11.46 10.09 -16.11
CA LYS A 50 12.40 9.31 -15.40
CA LYS A 50 12.42 9.29 -15.36
C LYS A 50 11.75 8.05 -14.82
C LYS A 50 11.71 8.00 -14.92
N THR A 51 12.48 6.92 -14.82
CA THR A 51 11.99 5.71 -14.16
C THR A 51 12.19 5.83 -12.65
N LEU A 52 11.12 5.59 -11.89
CA LEU A 52 11.15 5.70 -10.43
C LEU A 52 11.20 4.35 -9.71
N GLY A 53 10.92 3.27 -10.41
CA GLY A 53 10.97 1.94 -9.81
C GLY A 53 10.68 0.92 -10.87
N THR A 54 11.17 -0.31 -10.68
N THR A 54 11.16 -0.31 -10.63
CA THR A 54 11.00 -1.36 -11.67
CA THR A 54 10.97 -1.37 -11.61
C THR A 54 10.82 -2.69 -10.95
C THR A 54 10.76 -2.69 -10.90
N GLY A 55 10.12 -3.61 -11.62
CA GLY A 55 9.89 -4.94 -11.10
C GLY A 55 9.80 -5.99 -12.17
N SER A 56 9.25 -7.14 -11.82
N SER A 56 9.23 -7.13 -11.81
CA SER A 56 9.32 -8.28 -12.73
CA SER A 56 9.26 -8.30 -12.69
C SER A 56 8.39 -8.16 -13.93
C SER A 56 8.44 -8.10 -13.96
N PHE A 57 7.40 -7.27 -13.91
CA PHE A 57 6.50 -7.16 -15.06
C PHE A 57 6.14 -5.74 -15.44
N GLY A 58 6.81 -4.74 -14.88
CA GLY A 58 6.48 -3.38 -15.24
C GLY A 58 7.38 -2.41 -14.51
N ARG A 59 7.03 -1.14 -14.62
CA ARG A 59 7.82 -0.07 -14.02
C ARG A 59 6.90 1.09 -13.69
N VAL A 60 7.41 2.02 -12.90
CA VAL A 60 6.71 3.27 -12.64
C VAL A 60 7.59 4.39 -13.16
N MET A 61 7.01 5.29 -13.97
N MET A 61 6.98 5.30 -13.90
CA MET A 61 7.76 6.39 -14.56
CA MET A 61 7.65 6.42 -14.53
C MET A 61 7.12 7.74 -14.22
C MET A 61 7.08 7.72 -13.99
N LEU A 62 7.93 8.71 -13.85
CA LEU A 62 7.46 10.10 -13.82
C LEU A 62 7.20 10.55 -15.25
N VAL A 63 5.99 11.08 -15.48
CA VAL A 63 5.60 11.65 -16.77
C VAL A 63 5.01 13.03 -16.55
N LYS A 64 4.93 13.81 -17.62
CA LYS A 64 4.30 15.12 -17.58
C LYS A 64 3.25 15.17 -18.67
N HIS A 65 2.04 15.59 -18.32
CA HIS A 65 0.99 15.74 -19.32
C HIS A 65 1.31 16.94 -20.20
N LYS A 66 1.29 16.72 -21.53
CA LYS A 66 1.76 17.74 -22.47
C LYS A 66 0.89 18.98 -22.50
N GLU A 67 -0.41 18.86 -22.26
CA GLU A 67 -1.29 20.02 -22.36
C GLU A 67 -1.42 20.75 -21.04
N THR A 68 -1.52 20.03 -19.93
CA THR A 68 -1.72 20.72 -18.66
C THR A 68 -0.43 21.00 -17.92
N GLY A 69 0.65 20.28 -18.23
CA GLY A 69 1.88 20.42 -17.48
C GLY A 69 1.91 19.66 -16.17
N ASN A 70 0.83 18.95 -15.82
CA ASN A 70 0.80 18.23 -14.56
C ASN A 70 1.70 17.00 -14.60
N HIS A 71 2.33 16.69 -13.46
CA HIS A 71 3.16 15.50 -13.32
C HIS A 71 2.36 14.36 -12.74
N TYR A 72 2.69 13.15 -13.19
CA TYR A 72 2.04 11.94 -12.71
C TYR A 72 3.04 10.82 -12.62
N ALA A 73 2.71 9.82 -11.78
CA ALA A 73 3.48 8.57 -11.72
C ALA A 73 2.72 7.51 -12.53
N MET A 74 3.25 7.13 -13.68
CA MET A 74 2.60 6.22 -14.61
C MET A 74 3.15 4.82 -14.39
N LYS A 75 2.29 3.88 -13.96
CA LYS A 75 2.68 2.48 -13.89
C LYS A 75 2.42 1.84 -15.24
N ILE A 76 3.44 1.19 -15.79
CA ILE A 76 3.37 0.59 -17.13
C ILE A 76 3.61 -0.90 -16.94
N LEU A 77 2.61 -1.72 -17.26
CA LEU A 77 2.73 -3.17 -17.12
C LEU A 77 2.78 -3.81 -18.50
N ASP A 78 3.76 -4.68 -18.71
CA ASP A 78 3.87 -5.41 -19.96
C ASP A 78 2.87 -6.58 -19.94
N LYS A 79 1.89 -6.54 -20.85
CA LYS A 79 0.85 -7.58 -20.87
C LYS A 79 1.42 -8.99 -20.93
N GLN A 80 2.42 -9.21 -21.77
CA GLN A 80 2.93 -10.56 -21.93
C GLN A 80 3.60 -11.04 -20.65
N LYS A 81 4.27 -10.13 -19.92
CA LYS A 81 4.88 -10.53 -18.65
C LYS A 81 3.84 -10.74 -17.57
N VAL A 82 2.75 -9.98 -17.61
CA VAL A 82 1.70 -10.17 -16.61
C VAL A 82 1.13 -11.57 -16.73
N VAL A 83 0.84 -11.97 -17.97
CA VAL A 83 0.35 -13.30 -18.27
C VAL A 83 1.35 -14.36 -17.82
N LYS A 84 2.62 -14.22 -18.20
CA LYS A 84 3.60 -15.25 -17.88
C LYS A 84 3.77 -15.44 -16.38
N LEU A 85 3.74 -14.35 -15.61
CA LEU A 85 3.90 -14.42 -14.17
C LEU A 85 2.58 -14.58 -13.42
N LYS A 86 1.50 -14.91 -14.14
CA LYS A 86 0.22 -15.29 -13.54
C LYS A 86 -0.40 -14.16 -12.71
N GLN A 87 -0.25 -12.93 -13.20
CA GLN A 87 -0.80 -11.78 -12.52
C GLN A 87 -2.03 -11.17 -13.20
N ILE A 88 -2.73 -11.89 -14.09
CA ILE A 88 -3.85 -11.28 -14.81
C ILE A 88 -4.92 -10.79 -13.84
N GLU A 89 -5.44 -11.69 -13.00
CA GLU A 89 -6.51 -11.30 -12.08
C GLU A 89 -6.03 -10.20 -11.14
N HIS A 90 -4.79 -10.30 -10.65
CA HIS A 90 -4.30 -9.26 -9.74
C HIS A 90 -4.26 -7.91 -10.43
N THR A 91 -3.89 -7.88 -11.71
N THR A 91 -3.87 -7.85 -11.71
CA THR A 91 -3.80 -6.61 -12.41
CA THR A 91 -3.81 -6.54 -12.36
C THR A 91 -5.19 -6.02 -12.64
C THR A 91 -5.19 -6.00 -12.67
N LEU A 92 -6.16 -6.87 -12.99
CA LEU A 92 -7.55 -6.40 -13.11
C LEU A 92 -8.10 -5.94 -11.77
N ASN A 93 -7.78 -6.67 -10.68
CA ASN A 93 -8.17 -6.18 -9.34
C ASN A 93 -7.60 -4.80 -9.10
N GLU A 94 -6.29 -4.62 -9.34
CA GLU A 94 -5.62 -3.37 -9.01
C GLU A 94 -6.32 -2.18 -9.66
N LYS A 95 -6.57 -2.29 -10.97
CA LYS A 95 -7.15 -1.14 -11.66
C LYS A 95 -8.62 -0.93 -11.26
N ARG A 96 -9.40 -2.01 -11.13
CA ARG A 96 -10.81 -1.84 -10.79
C ARG A 96 -10.97 -1.24 -9.40
N ILE A 97 -10.14 -1.68 -8.46
CA ILE A 97 -10.20 -1.12 -7.11
C ILE A 97 -9.76 0.35 -7.12
N LEU A 98 -8.60 0.64 -7.75
CA LEU A 98 -8.09 2.01 -7.69
C LEU A 98 -9.06 2.99 -8.30
N GLN A 99 -9.75 2.62 -9.39
CA GLN A 99 -10.64 3.61 -9.97
C GLN A 99 -11.90 3.80 -9.13
N ALA A 100 -12.17 2.94 -8.13
CA ALA A 100 -13.37 3.02 -7.29
C ALA A 100 -13.15 3.57 -5.88
N VAL A 101 -11.92 3.69 -5.37
CA VAL A 101 -11.69 4.11 -3.99
C VAL A 101 -11.42 5.60 -3.92
N ASN A 102 -11.52 6.15 -2.71
CA ASN A 102 -11.33 7.58 -2.48
C ASN A 102 -11.09 7.74 -0.99
N PHE A 103 -9.86 8.05 -0.59
CA PHE A 103 -9.57 8.20 0.84
C PHE A 103 -8.34 9.10 0.96
N PRO A 104 -8.21 9.90 2.03
CA PRO A 104 -7.12 10.88 2.06
C PRO A 104 -5.74 10.29 1.97
N PHE A 105 -5.55 9.03 2.37
CA PHE A 105 -4.23 8.43 2.46
C PHE A 105 -3.98 7.38 1.39
N LEU A 106 -4.75 7.41 0.30
CA LEU A 106 -4.52 6.54 -0.86
C LEU A 106 -4.12 7.38 -2.06
N VAL A 107 -3.04 6.97 -2.77
CA VAL A 107 -2.72 7.66 -4.01
C VAL A 107 -3.90 7.53 -4.99
N LYS A 108 -4.21 8.63 -5.67
N LYS A 108 -4.22 8.63 -5.67
CA LYS A 108 -5.35 8.72 -6.57
CA LYS A 108 -5.35 8.66 -6.59
C LYS A 108 -4.98 8.31 -7.99
C LYS A 108 -4.96 8.22 -7.99
N LEU A 109 -5.72 7.36 -8.55
N LEU A 109 -5.86 7.47 -8.63
CA LEU A 109 -5.67 7.08 -9.98
CA LEU A 109 -5.71 7.07 -10.02
C LEU A 109 -6.33 8.24 -10.73
C LEU A 109 -6.40 8.10 -10.89
N GLU A 110 -5.61 8.79 -11.70
CA GLU A 110 -6.13 9.86 -12.54
C GLU A 110 -6.60 9.39 -13.91
N PHE A 111 -5.88 8.48 -14.56
CA PHE A 111 -6.25 7.95 -15.87
C PHE A 111 -5.83 6.50 -15.96
N SER A 112 -6.50 5.74 -16.83
CA SER A 112 -6.00 4.41 -17.17
C SER A 112 -6.28 4.16 -18.64
N PHE A 113 -5.51 3.28 -19.26
CA PHE A 113 -5.68 2.94 -20.66
C PHE A 113 -4.76 1.76 -20.96
N LYS A 114 -4.90 1.21 -22.15
CA LYS A 114 -4.06 0.11 -22.61
C LYS A 114 -3.75 0.31 -24.09
N ASP A 115 -2.74 -0.37 -24.57
CA ASP A 115 -2.44 -0.34 -26.00
C ASP A 115 -2.05 -1.75 -26.42
N ASN A 116 -1.41 -1.89 -27.59
CA ASN A 116 -1.14 -3.24 -28.08
C ASN A 116 -0.25 -4.04 -27.14
N SER A 117 0.62 -3.36 -26.38
CA SER A 117 1.63 -4.02 -25.56
C SER A 117 1.42 -3.89 -24.06
N ASN A 118 0.93 -2.76 -23.57
CA ASN A 118 1.02 -2.44 -22.15
C ASN A 118 -0.33 -2.07 -21.59
N LEU A 119 -0.40 -2.14 -20.25
CA LEU A 119 -1.45 -1.55 -19.42
C LEU A 119 -0.86 -0.34 -18.69
N TYR A 120 -1.67 0.71 -18.54
CA TYR A 120 -1.19 1.95 -17.91
C TYR A 120 -2.16 2.40 -16.83
N MET A 121 -1.60 2.71 -15.66
CA MET A 121 -2.32 3.35 -14.57
C MET A 121 -1.58 4.63 -14.24
N VAL A 122 -2.21 5.77 -14.46
CA VAL A 122 -1.57 7.07 -14.29
C VAL A 122 -2.04 7.62 -12.96
N MET A 123 -1.14 7.68 -11.98
CA MET A 123 -1.46 8.07 -10.60
C MET A 123 -0.93 9.47 -10.33
N GLU A 124 -1.46 10.11 -9.28
N GLU A 124 -1.45 10.10 -9.27
CA GLU A 124 -0.82 11.33 -8.80
CA GLU A 124 -0.84 11.33 -8.77
C GLU A 124 0.64 11.03 -8.47
C GLU A 124 0.61 11.08 -8.38
N TYR A 125 1.49 12.02 -8.70
CA TYR A 125 2.91 11.89 -8.36
C TYR A 125 3.14 12.48 -6.97
N VAL A 126 3.75 11.70 -6.08
CA VAL A 126 4.05 12.11 -4.72
C VAL A 126 5.57 12.30 -4.63
N PRO A 127 6.09 13.53 -4.69
N PRO A 127 6.06 13.54 -4.57
CA PRO A 127 7.54 13.73 -4.82
CA PRO A 127 7.48 13.82 -4.78
C PRO A 127 8.35 13.40 -3.58
C PRO A 127 8.34 13.57 -3.54
N GLY A 128 7.74 13.32 -2.39
CA GLY A 128 8.55 13.16 -1.18
C GLY A 128 9.23 11.82 -1.05
N GLY A 129 8.91 10.82 -1.89
CA GLY A 129 9.60 9.57 -1.82
C GLY A 129 8.94 8.56 -0.89
N GLU A 130 9.49 7.35 -0.91
CA GLU A 130 8.98 6.25 -0.11
C GLU A 130 9.42 6.36 1.34
N MET A 131 8.53 5.98 2.25
CA MET A 131 8.90 5.94 3.65
C MET A 131 10.15 5.10 3.86
N PHE A 132 10.32 4.03 3.08
CA PHE A 132 11.50 3.17 3.20
C PHE A 132 12.81 3.99 3.15
N SER A 133 12.92 4.92 2.20
CA SER A 133 14.13 5.74 2.09
C SER A 133 14.34 6.56 3.37
N HIS A 134 13.28 7.23 3.84
CA HIS A 134 13.42 8.10 5.02
C HIS A 134 13.74 7.29 6.27
N LEU A 135 13.11 6.15 6.43
CA LEU A 135 13.36 5.29 7.58
C LEU A 135 14.80 4.79 7.57
N ARG A 136 15.28 4.32 6.43
N ARG A 136 15.27 4.29 6.43
CA ARG A 136 16.64 3.79 6.39
CA ARG A 136 16.64 3.78 6.38
C ARG A 136 17.68 4.88 6.53
C ARG A 136 17.65 4.90 6.62
N ARG A 137 17.35 6.12 6.13
CA ARG A 137 18.27 7.23 6.33
C ARG A 137 18.37 7.60 7.80
N ILE A 138 17.25 7.71 8.49
CA ILE A 138 17.30 8.18 9.87
C ILE A 138 17.58 7.05 10.85
N GLY A 139 17.35 5.80 10.47
CA GLY A 139 17.57 4.68 11.36
C GLY A 139 16.25 4.15 11.88
N ARG A 140 15.64 4.90 12.80
CA ARG A 140 14.31 4.54 13.30
C ARG A 140 13.56 5.82 13.59
N PHE A 141 12.23 5.73 13.59
CA PHE A 141 11.36 6.85 13.96
C PHE A 141 11.07 6.80 15.45
N SEP A 142 10.97 7.97 16.08
CA SEP A 142 10.50 8.01 17.47
CB SEP A 142 10.52 9.46 17.98
OG SEP A 142 9.53 10.21 17.28
C SEP A 142 9.08 7.45 17.54
O SEP A 142 8.37 7.39 16.53
P SEP A 142 9.55 11.82 17.45
O1P SEP A 142 9.48 12.17 18.94
O2P SEP A 142 11.00 12.28 16.91
O3P SEP A 142 8.38 12.46 16.56
N GLU A 143 8.62 7.08 18.75
CA GLU A 143 7.26 6.54 18.83
C GLU A 143 6.21 7.54 18.35
N PRO A 144 6.29 8.85 18.68
CA PRO A 144 5.26 9.77 18.16
C PRO A 144 5.25 9.81 16.64
N HIS A 145 6.43 9.73 16.03
CA HIS A 145 6.54 9.77 14.56
C HIS A 145 5.95 8.51 13.94
N ALA A 146 6.32 7.36 14.51
CA ALA A 146 5.74 6.08 14.07
C ALA A 146 4.24 6.07 14.27
N ARG A 147 3.76 6.62 15.39
CA ARG A 147 2.33 6.65 15.71
C ARG A 147 1.53 7.50 14.73
N PHE A 148 2.09 8.63 14.31
CA PHE A 148 1.44 9.49 13.32
C PHE A 148 1.18 8.70 12.02
N TYR A 149 2.20 7.97 11.53
CA TYR A 149 2.00 7.17 10.31
C TYR A 149 1.07 5.98 10.57
N ALA A 150 1.25 5.29 11.71
CA ALA A 150 0.41 4.13 12.01
C ALA A 150 -1.06 4.54 12.06
N ALA A 151 -1.38 5.71 12.62
CA ALA A 151 -2.78 6.15 12.70
C ALA A 151 -3.39 6.24 11.32
N GLN A 152 -2.61 6.73 10.35
CA GLN A 152 -3.11 6.84 8.98
C GLN A 152 -3.37 5.47 8.39
N ILE A 153 -2.50 4.49 8.66
CA ILE A 153 -2.75 3.14 8.15
C ILE A 153 -3.96 2.51 8.81
N VAL A 154 -4.15 2.74 10.11
CA VAL A 154 -5.35 2.21 10.80
C VAL A 154 -6.62 2.74 10.13
N LEU A 155 -6.68 4.07 9.89
CA LEU A 155 -7.87 4.64 9.25
C LEU A 155 -8.03 4.09 7.83
N THR A 156 -6.93 3.94 7.11
CA THR A 156 -6.98 3.45 5.73
C THR A 156 -7.48 2.02 5.68
N PHE A 157 -6.99 1.16 6.60
CA PHE A 157 -7.48 -0.22 6.67
C PHE A 157 -8.93 -0.28 7.14
N GLU A 158 -9.34 0.62 8.04
CA GLU A 158 -10.76 0.63 8.42
C GLU A 158 -11.61 0.91 7.18
N TYR A 159 -11.21 1.91 6.39
CA TYR A 159 -11.90 2.23 5.14
C TYR A 159 -11.90 1.04 4.17
N LEU A 160 -10.72 0.50 3.86
CA LEU A 160 -10.66 -0.57 2.85
C LEU A 160 -11.44 -1.81 3.32
N HIS A 161 -11.27 -2.21 4.58
CA HIS A 161 -11.94 -3.41 5.06
C HIS A 161 -13.46 -3.24 5.06
N SER A 162 -13.94 -2.02 5.33
CA SER A 162 -15.38 -1.80 5.30
C SER A 162 -15.96 -1.97 3.90
N LEU A 163 -15.14 -1.82 2.86
CA LEU A 163 -15.49 -2.06 1.46
C LEU A 163 -15.27 -3.50 1.06
N ASP A 164 -14.95 -4.38 2.02
CA ASP A 164 -14.61 -5.77 1.73
C ASP A 164 -13.32 -5.90 0.94
N LEU A 165 -12.38 -4.96 1.08
CA LEU A 165 -11.10 -5.01 0.37
C LEU A 165 -9.99 -5.39 1.33
N ILE A 166 -9.15 -6.36 0.94
N ILE A 166 -9.09 -6.24 0.85
CA ILE A 166 -7.91 -6.64 1.66
CA ILE A 166 -7.91 -6.69 1.57
C ILE A 166 -6.80 -6.00 0.84
C ILE A 166 -6.70 -6.13 0.82
N TYR A 167 -5.80 -5.44 1.52
CA TYR A 167 -4.73 -4.72 0.83
C TYR A 167 -3.55 -5.62 0.46
N ARG A 168 -2.99 -6.36 1.43
CA ARG A 168 -2.03 -7.45 1.22
C ARG A 168 -0.65 -7.01 0.75
N ASP A 169 -0.31 -5.73 0.78
CA ASP A 169 1.06 -5.36 0.40
C ASP A 169 1.62 -4.25 1.27
N LEU A 170 1.28 -4.23 2.56
CA LEU A 170 1.82 -3.20 3.43
C LEU A 170 3.31 -3.42 3.66
N LYS A 171 4.11 -2.38 3.45
CA LYS A 171 5.55 -2.35 3.69
C LYS A 171 6.00 -0.90 3.49
N PRO A 172 7.14 -0.49 4.06
CA PRO A 172 7.57 0.92 3.96
C PRO A 172 7.75 1.39 2.52
N GLU A 173 8.14 0.50 1.60
CA GLU A 173 8.31 0.90 0.21
C GLU A 173 7.03 1.43 -0.42
N ASN A 174 5.87 0.96 0.06
CA ASN A 174 4.58 1.30 -0.53
C ASN A 174 3.90 2.50 0.10
N LEU A 175 4.59 3.18 1.02
CA LEU A 175 4.01 4.32 1.72
C LEU A 175 4.76 5.56 1.28
N LEU A 176 4.17 6.37 0.46
CA LEU A 176 4.82 7.58 -0.04
C LEU A 176 4.51 8.74 0.90
N ILE A 177 5.47 9.65 1.07
N ILE A 177 5.47 9.65 1.06
CA ILE A 177 5.32 10.80 1.95
CA ILE A 177 5.30 10.80 1.94
C ILE A 177 5.07 12.05 1.11
C ILE A 177 5.05 12.04 1.09
N ASP A 178 3.93 12.71 1.34
CA ASP A 178 3.53 13.84 0.52
C ASP A 178 4.08 15.17 1.02
N GLN A 179 3.67 16.26 0.35
CA GLN A 179 4.24 17.56 0.64
C GLN A 179 3.86 18.07 2.02
N GLN A 180 2.81 17.52 2.63
N GLN A 180 2.82 17.53 2.63
CA GLN A 180 2.39 17.85 3.98
CA GLN A 180 2.44 17.89 3.99
C GLN A 180 2.99 16.91 5.03
C GLN A 180 2.96 16.90 5.02
N GLY A 181 3.75 15.91 4.60
CA GLY A 181 4.28 14.89 5.50
C GLY A 181 3.31 13.75 5.79
N TYR A 182 2.18 13.67 5.09
CA TYR A 182 1.23 12.58 5.27
C TYR A 182 1.52 11.43 4.30
N ILE A 183 1.02 10.27 4.67
CA ILE A 183 1.18 9.06 3.87
C ILE A 183 0.19 9.02 2.73
N GLN A 184 0.67 8.49 1.59
N GLN A 184 0.65 8.50 1.58
CA GLN A 184 -0.15 8.10 0.45
CA GLN A 184 -0.25 8.05 0.54
C GLN A 184 0.22 6.65 0.13
C GLN A 184 0.17 6.66 0.10
N VAL A 185 -0.72 5.70 0.30
CA VAL A 185 -0.44 4.30 0.01
C VAL A 185 -0.51 4.07 -1.50
N THR A 186 0.52 3.41 -2.04
CA THR A 186 0.60 3.05 -3.45
C THR A 186 0.72 1.53 -3.58
N ASP A 187 0.52 1.04 -4.79
CA ASP A 187 0.66 -0.37 -5.17
C ASP A 187 -0.50 -1.23 -4.65
N PHE A 188 -1.56 -1.29 -5.45
CA PHE A 188 -2.72 -2.12 -5.20
C PHE A 188 -2.66 -3.43 -5.98
N GLY A 189 -1.43 -3.88 -6.36
CA GLY A 189 -1.28 -5.08 -7.16
C GLY A 189 -1.76 -6.36 -6.49
N PHE A 190 -1.80 -6.42 -5.15
CA PHE A 190 -2.33 -7.56 -4.41
C PHE A 190 -3.66 -7.26 -3.75
N ALA A 191 -4.26 -6.10 -3.96
CA ALA A 191 -5.51 -5.78 -3.29
C ALA A 191 -6.65 -6.57 -3.94
N LYS A 192 -7.65 -6.96 -3.15
CA LYS A 192 -8.70 -7.83 -3.68
C LYS A 192 -9.99 -7.57 -2.90
N ARG A 193 -11.13 -7.62 -3.61
CA ARG A 193 -12.43 -7.62 -2.94
C ARG A 193 -12.77 -9.04 -2.51
N VAL A 194 -12.89 -9.26 -1.20
CA VAL A 194 -13.00 -10.57 -0.56
C VAL A 194 -14.05 -10.44 0.52
N LYS A 195 -15.16 -11.18 0.47
N LYS A 195 -15.16 -11.15 0.38
CA LYS A 195 -16.05 -11.06 1.62
CA LYS A 195 -16.05 -11.48 1.48
C LYS A 195 -15.70 -12.03 2.74
C LYS A 195 -15.71 -12.91 1.89
N GLY A 196 -15.08 -13.14 2.40
N GLY A 196 -15.12 -13.05 3.06
CA GLY A 196 -14.66 -14.13 3.36
CA GLY A 196 -14.78 -14.37 3.55
C GLY A 196 -13.18 -14.40 3.25
C GLY A 196 -13.28 -14.58 3.58
N ARG A 197 -12.83 -15.62 2.87
CA ARG A 197 -11.43 -16.02 2.81
C ARG A 197 -10.90 -15.91 1.39
N THR A 198 -9.58 -15.87 1.31
CA THR A 198 -8.88 -15.91 0.04
C THR A 198 -7.61 -16.73 0.26
N TRP A 199 -6.98 -17.16 -0.84
CA TRP A 199 -5.95 -18.20 -0.74
C TRP A 199 -4.60 -17.90 -1.41
N TPO A 200 -4.47 -16.81 -2.13
CA TPO A 200 -3.24 -16.65 -2.93
CB TPO A 200 -3.40 -15.54 -3.98
CG2 TPO A 200 -2.26 -15.49 -4.98
OG1 TPO A 200 -4.58 -15.76 -4.70
P TPO A 200 -5.80 -14.64 -4.54
O1P TPO A 200 -5.31 -13.33 -5.09
O2P TPO A 200 -6.98 -15.23 -5.28
O3P TPO A 200 -6.08 -14.56 -3.05
C TPO A 200 -1.99 -16.36 -2.07
O TPO A 200 -2.05 -15.48 -1.20
N LEU A 201 -0.87 -17.01 -2.35
CA LEU A 201 0.39 -16.63 -1.74
C LEU A 201 0.90 -15.35 -2.36
N CYS A 202 0.89 -14.25 -1.61
CA CYS A 202 1.47 -13.02 -2.14
C CYS A 202 1.81 -12.12 -0.95
N GLY A 203 2.71 -11.18 -1.21
CA GLY A 203 3.24 -10.26 -0.22
C GLY A 203 4.71 -10.46 0.03
N THR A 204 5.37 -9.47 0.62
N THR A 204 5.28 -9.54 0.73
CA THR A 204 6.81 -9.62 0.85
CA THR A 204 6.71 -9.59 0.88
C THR A 204 7.05 -10.47 2.09
C THR A 204 7.09 -10.39 2.15
N PRO A 205 8.11 -11.27 2.09
CA PRO A 205 8.32 -12.22 3.20
C PRO A 205 8.26 -11.67 4.61
N GLU A 206 8.92 -10.52 4.87
CA GLU A 206 8.98 -10.01 6.23
C GLU A 206 7.60 -9.67 6.79
N TYR A 207 6.63 -9.39 5.93
CA TYR A 207 5.32 -8.89 6.31
C TYR A 207 4.21 -9.93 6.26
N LEU A 208 4.50 -11.17 5.86
CA LEU A 208 3.45 -12.18 5.74
C LEU A 208 2.97 -12.67 7.09
N ALA A 209 1.63 -12.79 7.24
CA ALA A 209 1.04 -13.41 8.43
C ALA A 209 1.27 -14.93 8.41
N PRO A 210 1.26 -15.57 9.58
CA PRO A 210 1.50 -17.02 9.60
C PRO A 210 0.50 -17.77 8.74
N GLU A 211 -0.77 -17.35 8.69
CA GLU A 211 -1.75 -18.13 7.95
C GLU A 211 -1.53 -18.04 6.45
N ILE A 212 -0.86 -16.98 5.95
CA ILE A 212 -0.42 -16.97 4.54
C ILE A 212 0.69 -18.00 4.34
N ILE A 213 1.71 -17.98 5.20
CA ILE A 213 2.84 -18.91 5.07
C ILE A 213 2.37 -20.36 5.12
N LEU A 214 1.33 -20.65 5.93
CA LEU A 214 0.82 -22.00 6.09
C LEU A 214 -0.26 -22.36 5.06
N SER A 215 -0.46 -21.55 4.03
CA SER A 215 -1.33 -21.91 2.89
C SER A 215 -2.78 -22.11 3.33
N LYS A 216 -3.23 -21.35 4.33
N LYS A 216 -3.23 -21.28 4.25
CA LYS A 216 -4.62 -21.42 4.80
CA LYS A 216 -4.61 -21.35 4.73
C LYS A 216 -5.50 -20.44 4.01
C LYS A 216 -5.52 -20.47 3.88
N GLY A 217 -6.82 -20.63 4.09
CA GLY A 217 -7.76 -19.63 3.63
C GLY A 217 -7.76 -18.49 4.62
N TYR A 218 -7.24 -17.34 4.27
CA TYR A 218 -7.05 -16.23 5.22
C TYR A 218 -7.98 -15.07 4.91
N ASN A 219 -7.99 -14.10 5.80
CA ASN A 219 -8.93 -12.99 5.68
C ASN A 219 -8.23 -11.67 5.98
N LYS A 220 -9.02 -10.63 6.24
N LYS A 220 -9.02 -10.63 6.23
CA LYS A 220 -8.47 -9.29 6.42
CA LYS A 220 -8.50 -9.29 6.42
C LYS A 220 -7.59 -9.17 7.64
C LYS A 220 -7.59 -9.17 7.64
N ALA A 221 -7.61 -10.17 8.53
CA ALA A 221 -6.69 -10.14 9.67
C ALA A 221 -5.23 -10.13 9.24
N VAL A 222 -4.90 -10.52 8.00
CA VAL A 222 -3.51 -10.48 7.57
C VAL A 222 -3.03 -9.03 7.45
N ASP A 223 -3.91 -8.08 7.15
CA ASP A 223 -3.49 -6.68 7.08
C ASP A 223 -3.14 -6.16 8.47
N TRP A 224 -3.89 -6.59 9.51
CA TRP A 224 -3.59 -6.13 10.88
C TRP A 224 -2.26 -6.73 11.37
N TRP A 225 -1.95 -7.99 11.00
CA TRP A 225 -0.63 -8.55 11.27
C TRP A 225 0.45 -7.67 10.62
N ALA A 226 0.24 -7.33 9.34
CA ALA A 226 1.23 -6.52 8.62
C ALA A 226 1.40 -5.16 9.29
N LEU A 227 0.31 -4.57 9.82
CA LEU A 227 0.45 -3.32 10.56
C LEU A 227 1.37 -3.50 11.77
N GLY A 228 1.25 -4.63 12.49
CA GLY A 228 2.18 -4.88 13.59
C GLY A 228 3.63 -4.91 13.13
N VAL A 229 3.90 -5.58 11.99
CA VAL A 229 5.27 -5.62 11.46
C VAL A 229 5.72 -4.20 11.13
N LEU A 230 4.86 -3.42 10.46
CA LEU A 230 5.23 -2.05 10.07
C LEU A 230 5.55 -1.20 11.29
N ILE A 231 4.70 -1.25 12.33
CA ILE A 231 4.94 -0.40 13.49
C ILE A 231 6.24 -0.82 14.17
N TYR A 232 6.49 -2.11 14.30
CA TYR A 232 7.76 -2.60 14.84
C TYR A 232 8.93 -2.07 14.03
N GLU A 233 8.87 -2.21 12.71
CA GLU A 233 9.99 -1.77 11.88
C GLU A 233 10.18 -0.25 11.95
N MET A 234 9.10 0.53 11.94
CA MET A 234 9.25 1.97 12.07
C MET A 234 9.96 2.34 13.38
N ALA A 235 9.56 1.70 14.50
CA ALA A 235 10.05 2.08 15.83
C ALA A 235 11.39 1.45 16.18
N ALA A 236 11.74 0.32 15.53
CA ALA A 236 13.02 -0.33 15.79
C ALA A 236 14.09 -0.01 14.75
N GLY A 237 13.67 0.15 13.50
CA GLY A 237 14.58 0.31 12.38
C GLY A 237 14.79 -0.95 11.56
N TYR A 238 14.25 -2.09 12.00
CA TYR A 238 14.37 -3.38 11.33
C TYR A 238 13.12 -4.18 11.67
N PRO A 239 12.77 -5.17 10.84
CA PRO A 239 11.50 -5.88 11.10
C PRO A 239 11.66 -6.96 12.14
N PRO A 240 10.54 -7.40 12.74
CA PRO A 240 10.61 -8.30 13.91
C PRO A 240 11.07 -9.72 13.59
N PHE A 241 10.90 -10.19 12.36
CA PHE A 241 11.21 -11.58 12.06
C PHE A 241 12.40 -11.71 11.12
N PHE A 242 13.28 -10.72 11.16
CA PHE A 242 14.38 -10.62 10.23
C PHE A 242 15.26 -11.86 10.24
N ALA A 243 15.61 -12.32 9.04
CA ALA A 243 16.61 -13.36 8.86
C ALA A 243 17.11 -13.25 7.42
N ASP A 244 18.20 -14.01 7.10
CA ASP A 244 18.90 -13.86 5.81
C ASP A 244 18.10 -14.40 4.61
N GLN A 245 17.32 -15.45 4.81
CA GLN A 245 16.63 -16.09 3.69
C GLN A 245 15.16 -16.25 4.04
N PRO A 246 14.27 -16.22 3.04
CA PRO A 246 12.83 -16.35 3.32
C PRO A 246 12.47 -17.55 4.18
N ILE A 247 13.04 -18.72 3.96
CA ILE A 247 12.62 -19.88 4.74
C ILE A 247 12.89 -19.65 6.23
N GLN A 248 13.99 -18.95 6.55
CA GLN A 248 14.30 -18.64 7.94
C GLN A 248 13.36 -17.57 8.49
N ILE A 249 13.02 -16.57 7.68
CA ILE A 249 12.01 -15.59 8.09
C ILE A 249 10.70 -16.31 8.42
N TYR A 250 10.28 -17.23 7.53
CA TYR A 250 8.99 -17.89 7.73
C TYR A 250 8.97 -18.72 9.00
N GLU A 251 10.10 -19.37 9.31
CA GLU A 251 10.18 -20.12 10.57
C GLU A 251 9.97 -19.20 11.77
N LYS A 252 10.59 -18.01 11.76
CA LYS A 252 10.43 -17.09 12.86
C LYS A 252 8.99 -16.58 12.95
N ILE A 253 8.37 -16.27 11.80
CA ILE A 253 7.01 -15.74 11.81
C ILE A 253 6.05 -16.75 12.43
N VAL A 254 6.14 -18.03 12.04
CA VAL A 254 5.16 -18.98 12.54
C VAL A 254 5.41 -19.35 14.00
N SER A 255 6.65 -19.26 14.45
N SER A 255 6.59 -19.04 14.55
CA SER A 255 6.90 -19.30 15.87
CA SER A 255 6.98 -19.50 15.89
C SER A 255 6.29 -18.08 16.55
C SER A 255 6.21 -18.84 17.04
N GLY A 256 6.24 -16.95 15.84
N GLY A 256 5.62 -17.66 16.84
CA GLY A 256 5.80 -15.67 16.39
CA GLY A 256 4.92 -17.04 17.95
C GLY A 256 6.61 -15.22 17.59
C GLY A 256 5.78 -16.40 19.01
N LYS A 257 7.79 -15.81 17.83
N LYS A 257 7.05 -16.07 18.71
CA LYS A 257 8.66 -15.30 18.87
CA LYS A 257 7.92 -15.32 19.61
C LYS A 257 9.23 -13.95 18.44
C LYS A 257 8.48 -14.11 18.89
N VAL A 258 8.90 -12.91 19.19
N VAL A 258 8.70 -13.03 19.64
CA VAL A 258 9.30 -11.54 18.88
CA VAL A 258 9.29 -11.78 19.13
C VAL A 258 10.00 -10.94 20.09
C VAL A 258 10.19 -11.23 20.23
N ARG A 259 11.20 -10.44 19.85
CA ARG A 259 12.02 -9.75 20.85
C ARG A 259 11.86 -8.25 20.66
N PHE A 260 11.55 -7.54 21.73
CA PHE A 260 11.36 -6.10 21.57
C PHE A 260 12.59 -5.37 22.08
N PRO A 261 13.05 -4.31 21.39
CA PRO A 261 14.11 -3.48 21.98
C PRO A 261 13.66 -2.90 23.32
N SER A 262 14.60 -2.76 24.25
N SER A 262 14.62 -2.74 24.25
CA SER A 262 14.27 -2.19 25.55
CA SER A 262 14.34 -2.04 25.49
C SER A 262 13.75 -0.76 25.45
C SER A 262 13.88 -0.60 25.26
N HIS A 263 14.16 0.00 24.43
N HIS A 263 14.23 0.00 24.12
CA HIS A 263 13.65 1.35 24.27
CA HIS A 263 13.77 1.33 23.77
C HIS A 263 12.17 1.41 23.94
C HIS A 263 12.25 1.43 23.74
N PHE A 264 11.56 0.33 23.44
CA PHE A 264 10.11 0.37 23.22
C PHE A 264 9.37 0.66 24.54
N SER A 265 8.34 1.51 24.46
CA SER A 265 7.44 1.69 25.60
C SER A 265 6.66 0.40 25.90
N SER A 266 6.20 0.27 27.17
CA SER A 266 5.34 -0.85 27.53
C SER A 266 4.06 -0.86 26.70
N ASP A 267 3.47 0.31 26.43
CA ASP A 267 2.25 0.35 25.63
C ASP A 267 2.53 -0.13 24.22
N LEU A 268 3.67 0.25 23.63
CA LEU A 268 3.99 -0.22 22.27
C LEU A 268 4.14 -1.73 22.25
N LYS A 269 4.88 -2.30 23.22
CA LYS A 269 5.00 -3.77 23.27
C LYS A 269 3.65 -4.45 23.38
N ASP A 270 2.75 -3.90 24.21
CA ASP A 270 1.45 -4.53 24.38
C ASP A 270 0.66 -4.51 23.07
N LEU A 271 0.64 -3.37 22.38
CA LEU A 271 -0.08 -3.31 21.11
C LEU A 271 0.50 -4.31 20.14
N LEU A 272 1.84 -4.39 20.05
CA LEU A 272 2.49 -5.29 19.08
C LEU A 272 2.22 -6.75 19.40
N ARG A 273 2.19 -7.14 20.69
CA ARG A 273 1.87 -8.53 20.99
C ARG A 273 0.46 -8.90 20.52
N ASN A 274 -0.45 -7.93 20.51
CA ASN A 274 -1.84 -8.15 20.08
C ASN A 274 -2.02 -8.10 18.57
N LEU A 275 -1.18 -7.35 17.84
CA LEU A 275 -1.22 -7.34 16.37
C LEU A 275 -0.44 -8.52 15.81
N LEU A 276 0.70 -8.86 16.43
CA LEU A 276 1.54 -9.99 16.00
C LEU A 276 1.14 -11.25 16.74
N GLN A 277 -0.16 -11.46 16.86
CA GLN A 277 -0.74 -12.64 17.47
C GLN A 277 -0.88 -13.72 16.40
N VAL A 278 -0.19 -14.84 16.59
N VAL A 278 -0.22 -14.86 16.61
CA VAL A 278 -0.19 -15.91 15.59
CA VAL A 278 -0.19 -15.89 15.57
C VAL A 278 -1.60 -16.44 15.36
C VAL A 278 -1.54 -16.56 15.40
N ASP A 279 -2.38 -16.57 16.43
CA ASP A 279 -3.74 -17.09 16.31
C ASP A 279 -4.62 -15.97 15.78
N LEU A 280 -5.04 -16.08 14.51
CA LEU A 280 -5.77 -14.99 13.88
C LEU A 280 -7.09 -14.70 14.59
N THR A 281 -7.65 -15.69 15.30
CA THR A 281 -8.92 -15.47 16.00
C THR A 281 -8.77 -14.64 17.27
N LYS A 282 -7.51 -14.38 17.70
CA LYS A 282 -7.22 -13.56 18.87
C LYS A 282 -6.52 -12.26 18.51
N ARG A 283 -6.35 -11.96 17.23
CA ARG A 283 -5.54 -10.82 16.79
C ARG A 283 -6.35 -9.52 16.80
N PHE A 284 -5.75 -8.45 17.34
CA PHE A 284 -6.41 -7.16 17.29
C PHE A 284 -6.73 -6.75 15.85
N GLY A 285 -7.91 -6.13 15.70
CA GLY A 285 -8.48 -5.84 14.41
C GLY A 285 -9.43 -6.91 13.95
N ASN A 286 -9.32 -8.12 14.50
CA ASN A 286 -10.14 -9.27 14.11
C ASN A 286 -11.02 -9.77 15.25
N LEU A 287 -11.19 -9.00 16.32
CA LEU A 287 -12.06 -9.39 17.43
C LEU A 287 -13.44 -8.75 17.24
N LYS A 288 -14.34 -9.01 18.19
CA LYS A 288 -15.70 -8.49 18.11
C LYS A 288 -15.73 -6.97 17.93
N ASN A 289 -14.81 -6.24 18.55
CA ASN A 289 -14.82 -4.79 18.45
C ASN A 289 -14.02 -4.25 17.26
N GLY A 290 -13.50 -5.14 16.43
CA GLY A 290 -12.84 -4.74 15.18
C GLY A 290 -11.75 -3.73 15.41
N VAL A 291 -11.75 -2.68 14.58
CA VAL A 291 -10.68 -1.71 14.62
C VAL A 291 -10.67 -0.94 15.93
N ASN A 292 -11.78 -0.89 16.67
CA ASN A 292 -11.80 -0.08 17.87
C ASN A 292 -10.90 -0.62 18.97
N ASP A 293 -10.55 -1.91 18.94
CA ASP A 293 -9.54 -2.39 19.90
C ASP A 293 -8.19 -1.75 19.64
N ILE A 294 -7.92 -1.40 18.38
CA ILE A 294 -6.68 -0.70 18.03
C ILE A 294 -6.80 0.79 18.36
N LYS A 295 -7.86 1.45 17.90
CA LYS A 295 -7.98 2.89 18.10
C LYS A 295 -8.01 3.26 19.58
N ASN A 296 -8.54 2.39 20.45
CA ASN A 296 -8.69 2.67 21.87
C ASN A 296 -7.53 2.14 22.69
N HIS A 297 -6.52 1.54 22.05
CA HIS A 297 -5.39 1.04 22.80
C HIS A 297 -4.59 2.21 23.39
N LYS A 298 -4.01 1.96 24.57
CA LYS A 298 -3.20 3.01 25.23
C LYS A 298 -2.11 3.60 24.34
N TRP A 299 -1.49 2.81 23.45
CA TRP A 299 -0.43 3.42 22.64
C TRP A 299 -0.96 4.55 21.77
N PHE A 300 -2.26 4.53 21.44
CA PHE A 300 -2.87 5.59 20.64
C PHE A 300 -3.62 6.63 21.48
N ALA A 301 -3.35 6.71 22.81
CA ALA A 301 -4.14 7.60 23.64
C ALA A 301 -4.01 9.07 23.24
N THR A 302 -2.84 9.47 22.72
CA THR A 302 -2.64 10.86 22.32
C THR A 302 -3.16 11.17 20.91
N THR A 303 -3.66 10.17 20.18
CA THR A 303 -4.07 10.38 18.79
C THR A 303 -5.48 10.93 18.70
N ASP A 304 -5.62 12.02 17.95
CA ASP A 304 -6.92 12.62 17.62
C ASP A 304 -7.27 12.07 16.24
N TRP A 305 -8.09 11.02 16.21
CA TRP A 305 -8.39 10.29 14.97
C TRP A 305 -9.04 11.19 13.92
N ILE A 306 -9.95 12.08 14.35
CA ILE A 306 -10.62 13.00 13.42
C ILE A 306 -9.61 13.98 12.83
N ALA A 307 -8.73 14.53 13.67
CA ALA A 307 -7.76 15.51 13.21
C ALA A 307 -6.79 14.88 12.22
N ILE A 308 -6.40 13.62 12.43
CA ILE A 308 -5.55 12.90 11.46
C ILE A 308 -6.29 12.78 10.13
N TYR A 309 -7.54 12.28 10.16
CA TYR A 309 -8.34 12.14 8.95
C TYR A 309 -8.46 13.46 8.19
N GLN A 310 -8.66 14.56 8.92
CA GLN A 310 -8.83 15.87 8.33
C GLN A 310 -7.50 16.52 7.94
N ARG A 311 -6.38 15.84 8.17
CA ARG A 311 -5.04 16.38 7.88
C ARG A 311 -4.78 17.70 8.60
N LYS A 312 -5.23 17.79 9.87
CA LYS A 312 -5.04 18.99 10.66
C LYS A 312 -3.87 18.90 11.62
N VAL A 313 -3.29 17.72 11.79
CA VAL A 313 -2.14 17.52 12.66
C VAL A 313 -0.86 17.93 11.92
N GLU A 314 0.02 18.68 12.60
CA GLU A 314 1.31 18.98 11.99
C GLU A 314 2.17 17.73 11.93
N ALA A 315 2.70 17.43 10.74
CA ALA A 315 3.46 16.22 10.56
C ALA A 315 4.83 16.30 11.24
N PRO A 316 5.39 15.15 11.61
CA PRO A 316 6.72 15.16 12.26
C PRO A 316 7.85 15.47 11.31
N PHE A 317 7.62 15.36 10.01
CA PHE A 317 8.71 15.37 9.06
C PHE A 317 8.14 15.85 7.72
N ILE A 318 8.77 16.83 7.09
CA ILE A 318 8.34 17.28 5.78
C ILE A 318 9.47 16.96 4.81
N PRO A 319 9.25 16.13 3.79
CA PRO A 319 10.34 15.81 2.86
C PRO A 319 10.89 17.04 2.16
N LYS A 320 12.17 16.98 1.84
CA LYS A 320 12.84 18.07 1.13
C LYS A 320 12.75 17.82 -0.36
N PHE A 321 12.13 18.73 -1.09
CA PHE A 321 12.08 18.61 -2.55
C PHE A 321 11.79 20.01 -3.08
N LYS A 322 12.09 20.21 -4.37
CA LYS A 322 12.06 21.56 -4.91
C LYS A 322 10.74 21.93 -5.60
N GLY A 323 9.93 20.94 -5.98
CA GLY A 323 8.71 21.25 -6.65
C GLY A 323 8.11 19.96 -7.15
N PRO A 324 6.95 20.06 -7.81
CA PRO A 324 6.18 18.86 -8.14
C PRO A 324 6.84 17.96 -9.17
N GLY A 325 7.91 18.41 -9.82
CA GLY A 325 8.65 17.60 -10.77
C GLY A 325 9.98 17.07 -10.25
N ASP A 326 10.30 17.36 -8.99
N ASP A 326 10.32 17.36 -9.01
CA ASP A 326 11.58 16.96 -8.39
CA ASP A 326 11.61 16.96 -8.48
C ASP A 326 11.57 15.44 -8.18
C ASP A 326 11.60 15.46 -8.19
N THR A 327 12.62 14.75 -8.66
CA THR A 327 12.79 13.31 -8.45
C THR A 327 13.91 12.94 -7.47
N SER A 328 14.45 13.92 -6.74
N SER A 328 14.45 13.91 -6.74
CA SER A 328 15.63 13.70 -5.89
CA SER A 328 15.63 13.67 -5.91
C SER A 328 15.39 12.65 -4.81
C SER A 328 15.39 12.65 -4.79
N ASN A 329 14.14 12.43 -4.40
CA ASN A 329 13.87 11.46 -3.34
C ASN A 329 13.67 10.05 -3.86
N PHE A 330 13.79 9.85 -5.18
CA PHE A 330 13.77 8.53 -5.82
C PHE A 330 15.16 8.25 -6.39
N ASP A 331 15.42 6.98 -6.71
CA ASP A 331 16.76 6.56 -7.10
C ASP A 331 16.83 6.32 -8.60
N ASP A 332 17.96 5.80 -9.05
CA ASP A 332 18.29 5.78 -10.46
C ASP A 332 18.24 4.36 -11.01
N TYR A 333 17.56 4.21 -12.15
CA TYR A 333 17.40 2.92 -12.80
C TYR A 333 17.77 3.06 -14.27
N GLU A 334 18.21 1.97 -14.90
CA GLU A 334 18.44 1.99 -16.34
C GLU A 334 17.16 2.41 -17.06
N GLU A 335 17.29 3.34 -17.99
CA GLU A 335 16.13 3.87 -18.70
C GLU A 335 15.87 3.04 -19.94
N GLU A 336 14.71 2.37 -19.99
CA GLU A 336 14.39 1.49 -21.11
C GLU A 336 13.25 2.07 -21.94
N GLU A 337 13.19 1.65 -23.21
CA GLU A 337 12.12 2.07 -24.13
C GLU A 337 10.75 1.69 -23.59
N ILE A 338 9.73 2.48 -23.98
CA ILE A 338 8.33 2.06 -23.86
C ILE A 338 7.89 1.72 -25.26
N ARG A 339 8.11 0.48 -25.65
CA ARG A 339 7.77 0.02 -26.98
C ARG A 339 6.31 -0.45 -27.04
N VAL A 340 5.67 -0.16 -28.16
CA VAL A 340 4.30 -0.57 -28.39
C VAL A 340 4.25 -1.34 -29.73
N SEP A 341 3.88 -2.60 -29.66
CA SEP A 341 3.87 -3.46 -30.84
CB SEP A 341 3.58 -4.90 -30.40
OG SEP A 341 3.45 -5.76 -31.52
C SEP A 341 2.85 -2.98 -31.86
O SEP A 341 1.86 -2.33 -31.51
P SEP A 341 4.80 -6.37 -32.16
O1P SEP A 341 4.33 -7.72 -32.86
O2P SEP A 341 5.38 -5.27 -33.16
O3P SEP A 341 5.88 -6.67 -31.01
N ILE A 342 3.09 -3.28 -33.13
CA ILE A 342 2.12 -3.00 -34.18
C ILE A 342 0.96 -4.00 -34.13
N ASN A 343 1.16 -5.11 -33.41
CA ASN A 343 0.15 -6.14 -33.24
C ASN A 343 -0.37 -6.16 -31.80
N GLU A 344 -1.66 -6.43 -31.63
CA GLU A 344 -2.23 -6.49 -30.28
C GLU A 344 -1.82 -7.78 -29.59
N LYS A 345 -1.33 -7.66 -28.33
CA LYS A 345 -0.95 -8.81 -27.51
C LYS A 345 -1.96 -8.98 -26.39
N CYS A 346 -2.38 -10.23 -26.16
CA CYS A 346 -3.15 -10.59 -24.96
C CYS A 346 -4.45 -9.78 -24.87
N GLY A 347 -5.10 -9.54 -26.01
CA GLY A 347 -6.30 -8.70 -25.98
C GLY A 347 -7.43 -9.30 -25.16
N LYS A 348 -7.66 -10.61 -25.30
CA LYS A 348 -8.75 -11.25 -24.59
C LYS A 348 -8.57 -11.16 -23.08
N GLU A 349 -7.35 -11.46 -22.61
CA GLU A 349 -7.07 -11.51 -21.18
C GLU A 349 -7.41 -10.19 -20.50
N PHE A 350 -7.19 -9.07 -21.19
CA PHE A 350 -7.32 -7.74 -20.60
C PHE A 350 -8.52 -6.97 -21.15
N THR A 351 -9.52 -7.67 -21.68
CA THR A 351 -10.73 -7.01 -22.22
C THR A 351 -11.34 -6.01 -21.24
N GLU A 352 -11.44 -6.36 -19.95
CA GLU A 352 -12.13 -5.47 -19.02
C GLU A 352 -11.27 -4.29 -18.58
N PHE A 353 -9.98 -4.29 -18.87
CA PHE A 353 -9.13 -3.22 -18.35
C PHE A 353 -9.45 -1.90 -19.07
S DMS B . -12.12 -8.28 -10.81
O DMS B . -12.85 -7.47 -11.85
C1 DMS B . -13.38 -9.26 -9.96
C2 DMS B . -11.35 -9.67 -11.67
S DMS C . 5.81 -21.02 1.30
O DMS C . 5.07 -19.74 1.62
C1 DMS C . 7.33 -20.57 0.45
C2 DMS C . 6.57 -21.59 2.84
S DMS D . -2.42 -27.28 2.35
O DMS D . -3.04 -26.17 3.17
C1 DMS D . -1.06 -26.59 1.39
C2 DMS D . -1.47 -28.32 3.46
S DMS E . -13.27 8.04 10.15
O DMS E . -12.66 7.86 8.78
C1 DMS E . -12.41 9.44 10.92
C2 DMS E . -14.85 8.85 9.93
S DMS F . 6.08 -14.76 -2.01
O DMS F . 5.29 -14.29 -3.21
C1 DMS F . 7.32 -13.50 -1.66
C2 DMS F . 4.98 -14.50 -0.60
S DMS G . 9.30 -4.63 -17.52
O DMS G . 9.95 -5.97 -17.29
C1 DMS G . 10.59 -3.38 -17.29
C2 DMS G . 9.10 -4.39 -19.30
S DMS H . 18.75 1.19 14.09
O DMS H . 18.48 0.84 12.64
C1 DMS H . 20.29 2.13 14.15
C2 DMS H . 17.71 2.60 14.46
S DMS I . 6.99 -22.78 7.57
O DMS I . 8.49 -22.85 7.47
C1 DMS I . 6.34 -23.49 6.05
C2 DMS I . 6.52 -24.14 8.66
S DMS J . 20.31 2.88 -7.78
O DMS J . 20.07 4.35 -7.81
C1 DMS J . 21.27 2.66 -6.27
C2 DMS J . 18.79 2.07 -7.26
C12 A1JEO K . 7.30 -3.35 -9.15
C01 A1JEO K . 4.63 -4.71 -10.39
C02 A1JEO K . 6.76 -2.94 -10.35
C03 A1JEO K . 6.86 -1.65 -10.74
C04 A1JEO K . 7.50 -0.77 -9.97
C05 A1JEO K . 8.04 -1.15 -8.80
C06 A1JEO K . 9.26 -0.50 -6.80
C07 A1JEO K . 9.37 0.87 -6.13
C08 A1JEO K . 11.66 1.51 -5.75
C09 A1JEO K . 12.39 0.36 -6.43
C10 A1JEO K . 10.65 -1.16 -7.01
C11 A1JEO K . 7.93 -2.45 -8.36
N01 A1JEO K . 10.39 1.10 -5.13
O01 A1JEO K . 6.85 -5.13 -11.77
O02 A1JEO K . 5.31 -3.25 -12.46
O03 A1JEO K . 8.67 -0.21 -8.05
O04 A1JEO K . 11.62 -0.23 -7.46
S01 A1JEO K . 5.91 -4.05 -11.40
#